data_3VVE
#
_entry.id   3VVE
#
_cell.length_a   68.844
_cell.length_b   71.965
_cell.length_c   105.838
_cell.angle_alpha   90.00
_cell.angle_beta   90.00
_cell.angle_gamma   90.00
#
_symmetry.space_group_name_H-M   'P 21 21 21'
#
loop_
_entity.id
_entity.type
_entity.pdbx_description
1 polymer 'Amino acid ABC transporter, binding protein'
2 non-polymer LYSINE
3 non-polymer 'SULFATE ION'
4 water water
#
_entity_poly.entity_id   1
_entity_poly.type   'polypeptide(L)'
_entity_poly.pdbx_seq_one_letter_code
;MKHHHHHHHHGGLVPRGSHGGSEFQVRSFEEIKRSGEIRIGTEGAFPPFNYFDERNQLTGFEVDLGNAIAERLGLKPRWI
AQSFDTLLIQLNQGRFDFVIASHGITEERARAVDFTNPHYCTGGVIVSRKGGPRTAKDLQGKVVGVQVGTTYMEAAQKIP
GIKEVRTYQRDPDALQDLLAGRIDTWITDRFVAKEAIKERKLENTLQVGELVFQERVAMAVAKGNKSLLDALNRALAELM
QDGTYARISQKWFGEDVRCK
;
_entity_poly.pdbx_strand_id   A,B
#
# COMPACT_ATOMS: atom_id res chain seq x y z
N GLY A 20 6.47 5.92 -14.72
CA GLY A 20 6.67 5.10 -15.97
C GLY A 20 5.71 3.92 -16.15
N GLY A 21 5.23 3.37 -15.04
CA GLY A 21 4.24 2.29 -15.05
C GLY A 21 4.80 0.98 -15.58
N SER A 22 4.07 -0.10 -15.42
CA SER A 22 4.61 -1.39 -15.86
C SER A 22 3.49 -2.36 -16.14
N GLU A 23 3.82 -3.44 -16.86
CA GLU A 23 2.81 -4.45 -17.18
C GLU A 23 2.68 -5.44 -16.02
N PHE A 24 1.53 -5.45 -15.34
CA PHE A 24 1.32 -6.32 -14.18
C PHE A 24 0.89 -7.70 -14.68
N GLN A 25 1.52 -8.75 -14.17
CA GLN A 25 1.11 -10.11 -14.52
C GLN A 25 1.75 -11.05 -13.52
N VAL A 26 0.98 -12.02 -13.06
CA VAL A 26 1.52 -13.14 -12.29
C VAL A 26 2.11 -14.09 -13.35
N ARG A 27 3.42 -14.27 -13.36
CA ARG A 27 4.08 -15.02 -14.45
C ARG A 27 4.58 -16.34 -13.89
N SER A 28 4.36 -17.43 -14.63
CA SER A 28 4.94 -18.73 -14.28
C SER A 28 6.44 -18.70 -14.54
N PHE A 29 7.16 -19.67 -13.99
CA PHE A 29 8.60 -19.71 -14.26
C PHE A 29 8.94 -19.78 -15.74
N GLU A 30 8.16 -20.54 -16.52
CA GLU A 30 8.43 -20.63 -17.96
C GLU A 30 8.29 -19.27 -18.65
N GLU A 31 7.26 -18.51 -18.31
CA GLU A 31 7.10 -17.16 -18.85
C GLU A 31 8.29 -16.27 -18.44
N ILE A 32 8.68 -16.32 -17.17
CA ILE A 32 9.85 -15.57 -16.67
C ILE A 32 11.12 -15.93 -17.49
N LYS A 33 11.40 -17.22 -17.59
CA LYS A 33 12.58 -17.70 -18.29
C LYS A 33 12.58 -17.19 -19.73
N ARG A 34 11.44 -17.29 -20.40
CA ARG A 34 11.25 -16.76 -21.75
C ARG A 34 11.59 -15.26 -21.89
N SER A 35 11.36 -14.46 -20.85
CA SER A 35 11.61 -13.03 -20.92
C SER A 35 13.06 -12.74 -20.55
N GLY A 36 13.71 -13.64 -19.82
CA GLY A 36 15.12 -13.46 -19.45
C GLY A 36 15.36 -12.47 -18.33
N GLU A 37 14.28 -11.98 -17.71
CA GLU A 37 14.43 -11.04 -16.62
C GLU A 37 13.45 -11.38 -15.52
N ILE A 38 13.79 -11.04 -14.29
CA ILE A 38 12.92 -11.35 -13.16
C ILE A 38 12.70 -10.13 -12.27
N ARG A 39 11.45 -9.89 -11.90
CA ARG A 39 11.08 -8.67 -11.20
C ARG A 39 10.98 -8.94 -9.71
N ILE A 40 11.74 -8.20 -8.92
CA ILE A 40 11.84 -8.48 -7.51
C ILE A 40 11.35 -7.27 -6.73
N GLY A 41 10.37 -7.49 -5.86
CA GLY A 41 9.84 -6.43 -5.00
C GLY A 41 10.57 -6.46 -3.68
N THR A 42 10.87 -5.27 -3.18
CA THR A 42 11.38 -5.12 -1.83
C THR A 42 10.95 -3.78 -1.24
N GLU A 43 11.36 -3.51 -0.01
CA GLU A 43 10.91 -2.33 0.68
C GLU A 43 11.88 -1.14 0.52
N GLY A 44 13.15 -1.37 0.84
CA GLY A 44 14.13 -0.29 0.74
C GLY A 44 14.15 0.59 1.98
N ALA A 45 13.61 0.12 3.09
CA ALA A 45 13.67 0.92 4.32
C ALA A 45 13.90 0.06 5.55
N PHE A 46 14.70 -0.99 5.40
CA PHE A 46 14.91 -1.90 6.54
C PHE A 46 16.38 -2.31 6.54
N PRO A 47 17.30 -1.35 6.87
CA PRO A 47 18.73 -1.59 6.91
C PRO A 47 19.05 -2.55 8.04
N PRO A 48 20.00 -3.51 7.83
CA PRO A 48 20.86 -3.76 6.68
C PRO A 48 20.28 -4.84 5.73
N PHE A 49 19.00 -5.20 5.88
CA PHE A 49 18.39 -6.23 4.96
C PHE A 49 18.10 -5.74 3.55
N ASN A 50 17.46 -4.57 3.47
CA ASN A 50 17.16 -3.96 2.19
C ASN A 50 16.91 -2.47 2.46
N TYR A 51 17.64 -1.61 1.74
CA TYR A 51 17.67 -0.18 2.09
C TYR A 51 18.38 0.58 0.98
N PHE A 52 18.20 1.89 0.98
CA PHE A 52 18.89 2.75 0.03
C PHE A 52 20.10 3.40 0.71
N ASP A 53 21.28 3.20 0.13
CA ASP A 53 22.49 3.67 0.78
C ASP A 53 22.67 5.20 0.61
N GLU A 54 23.83 5.70 1.02
CA GLU A 54 24.07 7.14 1.01
C GLU A 54 24.26 7.75 -0.39
N ARG A 55 24.41 6.92 -1.43
CA ARG A 55 24.31 7.38 -2.82
C ARG A 55 23.05 6.84 -3.49
N ASN A 56 22.08 6.52 -2.65
CA ASN A 56 20.71 6.27 -3.08
C ASN A 56 20.60 5.08 -3.99
N GLN A 57 21.41 4.06 -3.73
CA GLN A 57 21.26 2.82 -4.45
C GLN A 57 20.77 1.67 -3.54
N LEU A 58 19.93 0.80 -4.10
CA LEU A 58 19.29 -0.26 -3.31
C LEU A 58 20.36 -1.29 -2.92
N THR A 59 20.47 -1.63 -1.63
CA THR A 59 21.46 -2.65 -1.23
C THR A 59 21.03 -3.37 0.05
N GLY A 60 21.91 -4.22 0.58
CA GLY A 60 21.61 -5.00 1.77
C GLY A 60 21.68 -6.50 1.55
N PHE A 61 21.64 -7.21 2.66
CA PHE A 61 21.69 -8.68 2.64
C PHE A 61 20.76 -9.28 1.61
N GLU A 62 19.48 -8.92 1.69
CA GLU A 62 18.46 -9.47 0.78
C GLU A 62 18.59 -9.03 -0.67
N VAL A 63 19.14 -7.83 -0.90
CA VAL A 63 19.44 -7.41 -2.27
C VAL A 63 20.56 -8.27 -2.87
N ASP A 64 21.64 -8.45 -2.13
CA ASP A 64 22.74 -9.39 -2.55
C ASP A 64 22.23 -10.80 -2.79
N LEU A 65 21.46 -11.35 -1.85
CA LEU A 65 20.79 -12.64 -2.03
C LEU A 65 19.88 -12.70 -3.26
N GLY A 66 19.00 -11.72 -3.46
CA GLY A 66 18.14 -11.74 -4.66
C GLY A 66 18.90 -11.72 -5.98
N ASN A 67 19.96 -10.91 -6.04
CA ASN A 67 20.79 -10.79 -7.25
C ASN A 67 21.54 -12.15 -7.48
N ALA A 68 22.04 -12.75 -6.39
CA ALA A 68 22.73 -14.08 -6.52
C ALA A 68 21.74 -15.11 -7.03
N ILE A 69 20.51 -15.07 -6.53
CA ILE A 69 19.47 -15.98 -7.02
C ILE A 69 19.17 -15.77 -8.49
N ALA A 70 18.98 -14.50 -8.89
CA ALA A 70 18.76 -14.17 -10.28
C ALA A 70 19.89 -14.70 -11.18
N GLU A 71 21.13 -14.54 -10.72
CA GLU A 71 22.31 -14.92 -11.50
C GLU A 71 22.37 -16.43 -11.67
N ARG A 72 22.09 -17.16 -10.61
CA ARG A 72 22.08 -18.63 -10.70
C ARG A 72 20.99 -19.13 -11.62
N LEU A 73 19.86 -18.44 -11.62
CA LEU A 73 18.74 -18.77 -12.46
C LEU A 73 18.98 -18.32 -13.90
N GLY A 74 20.01 -17.49 -14.13
CA GLY A 74 20.29 -17.00 -15.49
C GLY A 74 19.33 -15.89 -15.93
N LEU A 75 18.98 -14.99 -15.01
CA LEU A 75 17.97 -13.98 -15.32
C LEU A 75 18.43 -12.59 -14.91
N LYS A 76 18.10 -11.57 -15.68
CA LYS A 76 18.50 -10.22 -15.25
C LYS A 76 17.54 -9.73 -14.15
N PRO A 77 18.05 -9.35 -12.96
CA PRO A 77 17.05 -8.88 -11.98
C PRO A 77 16.60 -7.43 -12.24
N ARG A 78 15.32 -7.17 -12.04
CA ARG A 78 14.76 -5.81 -12.07
C ARG A 78 14.08 -5.54 -10.71
N TRP A 79 14.66 -4.62 -9.93
CA TRP A 79 14.21 -4.33 -8.56
C TRP A 79 13.20 -3.22 -8.50
N ILE A 80 12.18 -3.38 -7.66
CA ILE A 80 11.17 -2.33 -7.42
C ILE A 80 11.08 -2.20 -5.91
N ALA A 81 11.38 -1.01 -5.40
CA ALA A 81 11.22 -0.69 -3.99
C ALA A 81 9.86 -0.05 -3.79
N GLN A 82 9.10 -0.50 -2.79
CA GLN A 82 7.84 0.17 -2.46
C GLN A 82 7.47 -0.05 -0.99
N SER A 83 6.45 0.66 -0.53
CA SER A 83 6.12 0.62 0.89
C SER A 83 5.78 -0.81 1.37
N PHE A 84 6.18 -1.13 2.59
CA PHE A 84 6.09 -2.51 3.11
C PHE A 84 4.66 -3.06 3.08
N ASP A 85 3.70 -2.25 3.57
CA ASP A 85 2.32 -2.70 3.78
C ASP A 85 1.61 -3.23 2.53
N THR A 86 2.00 -2.79 1.34
CA THR A 86 1.35 -3.33 0.15
C THR A 86 2.24 -4.26 -0.71
N LEU A 87 3.35 -4.75 -0.16
CA LEU A 87 4.24 -5.55 -1.01
C LEU A 87 3.53 -6.81 -1.46
N LEU A 88 2.88 -7.48 -0.54
CA LEU A 88 2.21 -8.75 -0.87
C LEU A 88 0.97 -8.53 -1.69
N ILE A 89 0.28 -7.40 -1.45
CA ILE A 89 -0.81 -6.96 -2.30
C ILE A 89 -0.36 -6.81 -3.75
N GLN A 90 0.67 -6.00 -3.99
CA GLN A 90 1.10 -5.76 -5.34
C GLN A 90 1.74 -6.98 -6.03
N LEU A 91 2.31 -7.85 -5.19
CA LEU A 91 2.79 -9.18 -5.67
C LEU A 91 1.65 -9.99 -6.33
N ASN A 92 0.55 -10.17 -5.59
CA ASN A 92 -0.67 -10.84 -6.09
C ASN A 92 -1.33 -10.11 -7.27
N GLN A 93 -1.23 -8.77 -7.31
CA GLN A 93 -1.65 -7.96 -8.47
C GLN A 93 -0.73 -8.12 -9.69
N GLY A 94 0.48 -8.64 -9.49
CA GLY A 94 1.39 -8.90 -10.62
C GLY A 94 2.48 -7.87 -10.84
N ARG A 95 2.74 -6.99 -9.86
CA ARG A 95 3.77 -5.97 -10.04
C ARG A 95 5.16 -6.60 -10.12
N PHE A 96 5.39 -7.68 -9.40
CA PHE A 96 6.67 -8.33 -9.48
C PHE A 96 6.50 -9.85 -9.51
N ASP A 97 7.63 -10.56 -9.72
CA ASP A 97 7.60 -12.03 -9.71
C ASP A 97 7.76 -12.61 -8.29
N PHE A 98 8.66 -12.06 -7.49
CA PHE A 98 8.71 -12.45 -6.11
C PHE A 98 9.08 -11.28 -5.23
N VAL A 99 8.84 -11.43 -3.94
CA VAL A 99 9.20 -10.44 -2.95
C VAL A 99 10.25 -10.99 -1.98
N ILE A 100 11.26 -10.16 -1.70
CA ILE A 100 12.23 -10.46 -0.68
C ILE A 100 12.38 -9.21 0.13
N ALA A 101 11.74 -9.21 1.29
CA ALA A 101 11.58 -7.99 2.06
C ALA A 101 11.37 -8.35 3.50
N SER A 102 12.00 -9.45 3.93
CA SER A 102 12.13 -9.79 5.35
C SER A 102 10.82 -10.30 6.01
N HIS A 103 9.93 -10.93 5.24
CA HIS A 103 8.62 -11.38 5.78
C HIS A 103 8.80 -12.67 6.60
N GLY A 104 8.53 -12.62 7.89
CA GLY A 104 8.43 -13.86 8.67
C GLY A 104 7.24 -14.64 8.17
N ILE A 105 7.37 -15.98 8.12
CA ILE A 105 6.29 -16.83 7.63
C ILE A 105 5.22 -16.87 8.73
N THR A 106 3.99 -16.53 8.40
CA THR A 106 2.91 -16.68 9.37
C THR A 106 1.77 -17.36 8.65
N GLU A 107 0.96 -18.07 9.43
CA GLU A 107 -0.28 -18.68 8.95
C GLU A 107 -1.14 -17.68 8.15
N GLU A 108 -1.36 -16.50 8.69
CA GLU A 108 -2.21 -15.52 8.02
C GLU A 108 -1.67 -15.12 6.63
N ARG A 109 -0.39 -14.78 6.56
CA ARG A 109 0.25 -14.42 5.29
C ARG A 109 0.25 -15.56 4.32
N ALA A 110 0.37 -16.80 4.82
CA ALA A 110 0.44 -17.96 3.93
C ALA A 110 -0.88 -18.23 3.24
N ARG A 111 -1.95 -17.61 3.76
CA ARG A 111 -3.25 -17.71 3.11
C ARG A 111 -3.29 -16.92 1.82
N ALA A 112 -2.45 -15.89 1.73
CA ALA A 112 -2.48 -14.96 0.59
C ALA A 112 -1.27 -15.09 -0.37
N VAL A 113 -0.15 -15.59 0.16
CA VAL A 113 1.05 -15.83 -0.67
C VAL A 113 1.70 -17.19 -0.33
N ASP A 114 2.50 -17.71 -1.27
CA ASP A 114 3.34 -18.88 -0.97
C ASP A 114 4.77 -18.47 -0.65
N PHE A 115 5.23 -18.92 0.52
CA PHE A 115 6.58 -18.70 1.00
C PHE A 115 7.55 -19.77 0.49
N THR A 116 8.79 -19.35 0.29
CA THR A 116 9.89 -20.28 0.06
C THR A 116 10.34 -20.85 1.40
N ASN A 117 11.25 -21.82 1.34
CA ASN A 117 12.09 -22.12 2.48
C ASN A 117 12.73 -20.83 2.94
N PRO A 118 12.86 -20.64 4.26
CA PRO A 118 13.35 -19.38 4.76
C PRO A 118 14.80 -19.09 4.34
N HIS A 119 15.08 -17.82 4.04
CA HIS A 119 16.42 -17.43 3.72
C HIS A 119 17.13 -16.86 4.90
N TYR A 120 16.46 -16.63 6.03
CA TYR A 120 17.16 -16.43 7.30
C TYR A 120 16.25 -16.66 8.50
N CYS A 121 16.85 -16.76 9.67
CA CYS A 121 16.08 -16.91 10.91
C CYS A 121 16.47 -15.76 11.75
N THR A 122 15.53 -15.27 12.53
CA THR A 122 15.75 -14.08 13.32
C THR A 122 14.70 -14.03 14.44
N GLY A 123 14.64 -12.88 15.14
CA GLY A 123 13.64 -12.64 16.18
C GLY A 123 13.30 -11.18 16.40
N GLY A 124 12.07 -10.93 16.87
CA GLY A 124 11.67 -9.59 17.29
C GLY A 124 12.15 -9.30 18.70
N VAL A 125 12.62 -8.08 18.93
CA VAL A 125 13.27 -7.72 20.17
C VAL A 125 12.71 -6.39 20.72
N ILE A 126 12.66 -6.25 22.05
CA ILE A 126 12.31 -4.99 22.70
C ILE A 126 13.51 -4.02 22.71
N VAL A 127 13.31 -2.77 22.29
CA VAL A 127 14.38 -1.79 22.48
C VAL A 127 13.87 -0.52 23.12
N SER A 128 14.57 -0.08 24.16
CA SER A 128 14.17 1.13 24.86
C SER A 128 15.36 2.03 25.10
N ARG A 129 15.12 3.22 25.65
CA ARG A 129 16.19 4.09 26.12
C ARG A 129 16.74 3.47 27.41
N LYS A 130 17.94 3.88 27.80
CA LYS A 130 18.68 3.18 28.86
C LYS A 130 17.92 2.78 30.14
N GLY A 131 17.06 3.64 30.64
CA GLY A 131 16.31 3.27 31.85
C GLY A 131 15.02 2.49 31.61
N GLY A 132 14.65 2.30 30.35
CA GLY A 132 13.32 1.81 29.99
C GLY A 132 13.12 0.30 29.99
N PRO A 133 11.90 -0.13 29.58
CA PRO A 133 11.43 -1.52 29.54
C PRO A 133 12.40 -2.54 28.95
N ARG A 134 12.61 -3.63 29.68
CA ARG A 134 13.47 -4.70 29.20
C ARG A 134 12.67 -5.90 28.73
N THR A 135 11.57 -6.18 29.44
CA THR A 135 10.82 -7.41 29.26
C THR A 135 9.41 -7.09 28.81
N ALA A 136 8.67 -8.09 28.30
CA ALA A 136 7.29 -7.88 27.91
C ALA A 136 6.43 -7.39 29.09
N LYS A 137 6.78 -7.84 30.30
CA LYS A 137 6.04 -7.42 31.49
C LYS A 137 6.27 -5.95 31.81
N ASP A 138 7.49 -5.44 31.53
CA ASP A 138 7.80 -4.02 31.68
C ASP A 138 6.97 -3.12 30.77
N LEU A 139 6.33 -3.71 29.75
CA LEU A 139 5.52 -2.95 28.78
C LEU A 139 4.13 -2.58 29.30
N GLN A 140 3.73 -3.17 30.43
CA GLN A 140 2.56 -2.69 31.20
C GLN A 140 2.61 -1.17 31.38
N GLY A 141 1.59 -0.47 30.85
CA GLY A 141 1.47 0.98 31.00
C GLY A 141 2.31 1.85 30.07
N LYS A 142 2.98 1.22 29.09
CA LYS A 142 3.94 1.92 28.22
C LYS A 142 3.43 2.11 26.80
N VAL A 143 4.04 3.06 26.09
CA VAL A 143 3.75 3.33 24.67
C VAL A 143 4.79 2.59 23.83
N VAL A 144 4.32 1.72 22.94
CA VAL A 144 5.18 0.81 22.16
C VAL A 144 5.03 1.08 20.66
N GLY A 145 6.10 1.55 20.02
CA GLY A 145 6.07 1.85 18.58
C GLY A 145 6.44 0.67 17.71
N VAL A 146 5.63 0.43 16.67
CA VAL A 146 5.88 -0.66 15.76
C VAL A 146 5.54 -0.21 14.32
N GLN A 147 6.08 -0.92 13.33
CA GLN A 147 5.74 -0.64 11.92
C GLN A 147 4.44 -1.36 11.52
N VAL A 148 3.62 -0.64 10.73
CA VAL A 148 2.41 -1.21 10.14
C VAL A 148 2.66 -2.56 9.43
N GLY A 149 1.72 -3.48 9.67
CA GLY A 149 1.61 -4.74 8.92
C GLY A 149 2.71 -5.73 9.29
N THR A 150 3.44 -5.48 10.38
CA THR A 150 4.55 -6.38 10.76
C THR A 150 4.21 -7.37 11.84
N THR A 151 5.08 -8.39 11.99
CA THR A 151 4.95 -9.34 13.08
C THR A 151 5.22 -8.66 14.41
N TYR A 152 5.92 -7.52 14.40
CA TYR A 152 6.10 -6.72 15.61
C TYR A 152 4.77 -6.12 16.08
N MET A 153 4.01 -5.56 15.15
CA MET A 153 2.70 -4.97 15.48
C MET A 153 1.71 -6.06 15.89
N GLU A 154 1.81 -7.21 15.25
CA GLU A 154 1.10 -8.40 15.71
C GLU A 154 1.39 -8.78 17.16
N ALA A 155 2.65 -8.83 17.54
CA ALA A 155 2.99 -9.26 18.90
C ALA A 155 2.73 -8.18 19.95
N ALA A 156 2.86 -6.91 19.57
CA ALA A 156 2.53 -5.80 20.45
C ALA A 156 1.03 -5.79 20.77
N GLN A 157 0.19 -6.15 19.79
CA GLN A 157 -1.26 -6.13 20.00
C GLN A 157 -1.69 -7.21 20.98
N LYS A 158 -0.82 -8.18 21.24
CA LYS A 158 -1.14 -9.34 22.05
C LYS A 158 -0.44 -9.38 23.41
N ILE A 159 0.51 -8.47 23.64
CA ILE A 159 1.12 -8.33 24.95
C ILE A 159 0.18 -7.54 25.88
N PRO A 160 -0.19 -8.12 27.04
CA PRO A 160 -1.22 -7.47 27.87
C PRO A 160 -0.75 -6.17 28.56
N GLY A 161 -1.67 -5.23 28.71
CA GLY A 161 -1.44 -4.03 29.52
C GLY A 161 -0.60 -2.93 28.91
N ILE A 162 -0.27 -3.05 27.62
CA ILE A 162 0.38 -1.95 26.90
C ILE A 162 -0.64 -0.81 26.87
N LYS A 163 -0.25 0.39 27.28
CA LYS A 163 -1.14 1.57 27.23
C LYS A 163 -1.55 1.92 25.80
N GLU A 164 -0.57 1.91 24.91
CA GLU A 164 -0.76 2.23 23.50
C GLU A 164 0.28 1.59 22.55
N VAL A 165 -0.22 0.87 21.55
CA VAL A 165 0.58 0.48 20.40
C VAL A 165 0.50 1.64 19.37
N ARG A 166 1.61 2.32 19.14
CA ARG A 166 1.70 3.36 18.09
C ARG A 166 2.31 2.73 16.86
N THR A 167 1.60 2.85 15.75
CA THR A 167 1.97 2.20 14.50
C THR A 167 2.48 3.22 13.47
N TYR A 168 3.63 2.89 12.85
CA TYR A 168 4.33 3.80 11.93
C TYR A 168 4.37 3.17 10.56
N GLN A 169 4.44 4.00 9.53
CA GLN A 169 4.47 3.48 8.17
C GLN A 169 5.85 2.85 7.86
N ARG A 170 6.90 3.43 8.44
CA ARG A 170 8.26 2.97 8.22
C ARG A 170 8.98 2.73 9.55
N ASP A 171 9.69 1.62 9.61
CA ASP A 171 10.35 1.20 10.87
C ASP A 171 11.34 2.25 11.40
N PRO A 172 12.15 2.87 10.52
CA PRO A 172 13.09 3.83 11.10
C PRO A 172 12.41 5.02 11.80
N ASP A 173 11.16 5.34 11.46
CA ASP A 173 10.43 6.42 12.17
C ASP A 173 9.99 6.09 13.59
N ALA A 174 9.75 4.81 13.87
CA ALA A 174 9.51 4.35 15.23
C ALA A 174 10.78 4.54 16.08
N LEU A 175 11.94 4.17 15.54
CA LEU A 175 13.23 4.42 16.19
C LEU A 175 13.38 5.91 16.49
N GLN A 176 13.12 6.76 15.51
CA GLN A 176 13.25 8.20 15.72
C GLN A 176 12.31 8.70 16.88
N ASP A 177 11.09 8.18 16.97
CA ASP A 177 10.20 8.57 18.07
C ASP A 177 10.68 8.02 19.42
N LEU A 178 11.39 6.90 19.39
CA LEU A 178 12.01 6.41 20.63
C LEU A 178 13.12 7.37 21.10
N LEU A 179 13.96 7.81 20.16
CA LEU A 179 15.06 8.71 20.46
C LEU A 179 14.55 10.04 20.96
N ALA A 180 13.40 10.47 20.44
CA ALA A 180 12.81 11.75 20.78
C ALA A 180 11.99 11.65 22.06
N GLY A 181 11.93 10.47 22.66
CA GLY A 181 11.14 10.26 23.87
C GLY A 181 9.63 10.28 23.73
N ARG A 182 9.11 10.06 22.52
CA ARG A 182 7.66 10.04 22.32
C ARG A 182 6.99 8.68 22.50
N ILE A 183 7.79 7.63 22.52
CA ILE A 183 7.38 6.27 22.87
C ILE A 183 8.40 5.72 23.86
N ASP A 184 8.05 4.68 24.61
CA ASP A 184 8.94 4.08 25.60
C ASP A 184 9.78 2.96 25.03
N THR A 185 9.22 2.28 24.04
CA THR A 185 9.82 1.10 23.51
C THR A 185 9.54 0.98 22.00
N TRP A 186 10.53 0.50 21.28
CA TRP A 186 10.42 0.15 19.87
C TRP A 186 10.62 -1.33 19.76
N ILE A 187 9.69 -2.06 19.15
CA ILE A 187 9.90 -3.48 18.87
C ILE A 187 10.23 -3.65 17.38
N THR A 188 11.37 -4.29 17.08
CA THR A 188 11.83 -4.47 15.69
C THR A 188 12.66 -5.75 15.59
N ASP A 189 13.21 -6.00 14.41
CA ASP A 189 14.16 -7.11 14.18
C ASP A 189 15.46 -6.97 14.99
N ARG A 190 15.97 -8.09 15.51
CA ARG A 190 17.15 -8.03 16.42
C ARG A 190 18.42 -7.55 15.70
N PHE A 191 18.61 -8.00 14.46
CA PHE A 191 19.72 -7.53 13.63
C PHE A 191 19.57 -6.06 13.25
N VAL A 192 18.33 -5.65 12.94
CA VAL A 192 18.04 -4.26 12.64
C VAL A 192 18.34 -3.39 13.86
N ALA A 193 17.89 -3.81 15.05
CA ALA A 193 18.13 -3.01 16.23
C ALA A 193 19.65 -2.98 16.48
N LYS A 194 20.29 -4.15 16.43
CA LYS A 194 21.75 -4.24 16.62
C LYS A 194 22.50 -3.20 15.78
N GLU A 195 22.26 -3.18 14.46
CA GLU A 195 23.00 -2.29 13.56
C GLU A 195 22.61 -0.83 13.70
N ALA A 196 21.34 -0.55 14.00
CA ALA A 196 20.90 0.83 14.15
C ALA A 196 21.71 1.48 15.28
N ILE A 197 21.79 0.77 16.41
CA ILE A 197 22.52 1.28 17.58
C ILE A 197 24.01 1.53 17.30
N LYS A 198 24.68 0.58 16.65
CA LYS A 198 26.08 0.71 16.20
C LYS A 198 26.26 1.94 15.32
N GLU A 199 25.50 1.97 14.22
CA GLU A 199 25.79 2.96 13.21
C GLU A 199 25.40 4.36 13.66
N ARG A 200 24.50 4.44 14.63
CA ARG A 200 24.14 5.75 15.15
C ARG A 200 24.89 6.06 16.44
N LYS A 201 25.70 5.10 16.91
CA LYS A 201 26.46 5.26 18.16
C LYS A 201 25.57 5.50 19.37
N LEU A 202 24.61 4.61 19.59
CA LEU A 202 23.64 4.80 20.67
C LEU A 202 23.83 3.72 21.74
N GLU A 203 25.04 3.17 21.83
CA GLU A 203 25.33 2.13 22.81
C GLU A 203 25.02 2.63 24.22
N ASN A 204 25.20 3.93 24.43
CA ASN A 204 25.01 4.57 25.73
C ASN A 204 23.66 5.25 25.94
N THR A 205 22.79 5.20 24.92
CA THR A 205 21.49 5.86 25.00
C THR A 205 20.31 4.87 24.80
N LEU A 206 20.54 3.82 24.02
CA LEU A 206 19.51 2.77 23.83
C LEU A 206 19.95 1.49 24.50
N GLN A 207 18.98 0.62 24.75
CA GLN A 207 19.23 -0.63 25.43
C GLN A 207 18.34 -1.67 24.80
N VAL A 208 18.94 -2.75 24.38
CA VAL A 208 18.21 -3.86 23.83
C VAL A 208 17.74 -4.76 24.96
N GLY A 209 16.45 -5.09 24.94
CA GLY A 209 15.83 -5.96 25.97
C GLY A 209 15.70 -7.36 25.46
N GLU A 210 14.64 -8.05 25.84
CA GLU A 210 14.48 -9.46 25.56
C GLU A 210 13.86 -9.73 24.19
N LEU A 211 14.06 -10.94 23.70
CA LEU A 211 13.49 -11.40 22.44
C LEU A 211 12.04 -11.65 22.68
N VAL A 212 11.19 -10.96 21.95
CA VAL A 212 9.75 -11.11 22.09
C VAL A 212 9.22 -12.37 21.41
N PHE A 213 9.73 -12.71 20.24
CA PHE A 213 9.39 -13.96 19.52
C PHE A 213 10.50 -14.30 18.53
N GLN A 214 10.39 -15.46 17.91
CA GLN A 214 11.32 -15.87 16.88
C GLN A 214 10.58 -16.14 15.60
N GLU A 215 11.26 -15.92 14.48
CA GLU A 215 10.64 -16.19 13.19
C GLU A 215 11.61 -16.66 12.10
N ARG A 216 11.03 -17.35 11.13
CA ARG A 216 11.75 -17.82 9.98
C ARG A 216 11.27 -16.91 8.84
N VAL A 217 12.23 -16.27 8.17
CA VAL A 217 11.89 -15.24 7.16
C VAL A 217 12.10 -15.82 5.77
N ALA A 218 11.14 -15.59 4.88
CA ALA A 218 11.12 -16.20 3.53
C ALA A 218 10.78 -15.22 2.42
N MET A 219 11.06 -15.62 1.17
CA MET A 219 10.59 -14.96 -0.03
C MET A 219 9.13 -15.37 -0.29
N ALA A 220 8.37 -14.48 -0.92
CA ALA A 220 6.99 -14.80 -1.28
C ALA A 220 6.81 -14.73 -2.78
N VAL A 221 5.95 -15.61 -3.30
CA VAL A 221 5.42 -15.47 -4.64
C VAL A 221 3.88 -15.40 -4.60
N ALA A 222 3.25 -15.04 -5.71
CA ALA A 222 1.79 -14.95 -5.78
C ALA A 222 1.19 -16.32 -5.47
N LYS A 223 0.12 -16.33 -4.67
CA LYS A 223 -0.57 -17.57 -4.27
C LYS A 223 -0.67 -18.49 -5.48
N GLY A 224 -0.21 -19.73 -5.36
CA GLY A 224 -0.34 -20.70 -6.47
C GLY A 224 0.79 -20.76 -7.47
N ASN A 225 1.78 -19.84 -7.41
CA ASN A 225 2.86 -19.78 -8.40
C ASN A 225 3.94 -20.84 -8.07
N LYS A 226 3.56 -22.11 -8.18
CA LYS A 226 4.39 -23.23 -7.75
C LYS A 226 5.66 -23.34 -8.59
N SER A 227 5.53 -23.15 -9.89
CA SER A 227 6.67 -23.26 -10.81
C SER A 227 7.77 -22.27 -10.48
N LEU A 228 7.42 -21.03 -10.13
CA LEU A 228 8.46 -20.07 -9.68
C LEU A 228 8.91 -20.46 -8.28
N LEU A 229 7.97 -20.84 -7.41
CA LEU A 229 8.32 -21.23 -6.06
C LEU A 229 9.41 -22.32 -6.07
N ASP A 230 9.24 -23.29 -6.98
CA ASP A 230 10.18 -24.44 -7.12
C ASP A 230 11.57 -23.96 -7.52
N ALA A 231 11.59 -22.99 -8.43
CA ALA A 231 12.84 -22.48 -8.99
C ALA A 231 13.58 -21.63 -7.96
N LEU A 232 12.85 -20.83 -7.20
CA LEU A 232 13.47 -20.13 -6.08
C LEU A 232 14.02 -21.07 -5.00
N ASN A 233 13.24 -22.10 -4.65
CA ASN A 233 13.67 -23.00 -3.57
C ASN A 233 14.96 -23.76 -3.99
N ARG A 234 15.00 -24.20 -5.25
CA ARG A 234 16.19 -24.88 -5.84
C ARG A 234 17.44 -23.95 -5.84
N ALA A 235 17.26 -22.70 -6.27
CA ALA A 235 18.36 -21.74 -6.26
C ALA A 235 18.82 -21.41 -4.86
N LEU A 236 17.90 -21.28 -3.91
CA LEU A 236 18.33 -20.91 -2.58
C LEU A 236 19.16 -22.06 -1.94
N ALA A 237 18.75 -23.31 -2.23
CA ALA A 237 19.44 -24.49 -1.71
C ALA A 237 20.86 -24.52 -2.30
N GLU A 238 20.97 -24.15 -3.57
CA GLU A 238 22.30 -24.16 -4.19
C GLU A 238 23.20 -23.13 -3.61
N LEU A 239 22.67 -21.93 -3.36
CA LEU A 239 23.45 -20.86 -2.74
C LEU A 239 23.88 -21.25 -1.34
N MET A 240 22.99 -21.93 -0.61
CA MET A 240 23.31 -22.44 0.72
C MET A 240 24.45 -23.46 0.66
N GLN A 241 24.41 -24.32 -0.34
CA GLN A 241 25.40 -25.40 -0.43
C GLN A 241 26.75 -24.98 -1.01
N ASP A 242 26.74 -24.05 -1.97
CA ASP A 242 27.95 -23.71 -2.74
C ASP A 242 28.81 -22.60 -2.17
N GLY A 243 28.44 -22.06 -1.01
CA GLY A 243 29.28 -21.02 -0.41
C GLY A 243 28.82 -19.58 -0.65
N THR A 244 27.94 -19.36 -1.62
CA THR A 244 27.44 -17.99 -1.89
C THR A 244 26.69 -17.45 -0.64
N TYR A 245 25.69 -18.20 -0.17
CA TYR A 245 24.94 -17.78 1.04
C TYR A 245 25.88 -17.39 2.20
N ALA A 246 26.85 -18.27 2.47
CA ALA A 246 27.80 -18.06 3.55
C ALA A 246 28.58 -16.76 3.42
N ARG A 247 29.04 -16.41 2.21
CA ARG A 247 29.79 -15.16 1.99
C ARG A 247 28.91 -13.93 2.24
N ILE A 248 27.71 -13.97 1.69
CA ILE A 248 26.78 -12.84 1.79
C ILE A 248 26.33 -12.64 3.25
N SER A 249 26.02 -13.74 3.93
CA SER A 249 25.70 -13.66 5.36
C SER A 249 26.88 -13.12 6.14
N GLN A 250 28.08 -13.63 5.88
CA GLN A 250 29.29 -13.12 6.57
C GLN A 250 29.51 -11.64 6.29
N LYS A 251 29.34 -11.24 5.02
CA LYS A 251 29.44 -9.85 4.60
C LYS A 251 28.58 -8.92 5.44
N TRP A 252 27.34 -9.31 5.72
CA TRP A 252 26.40 -8.37 6.35
C TRP A 252 26.33 -8.49 7.85
N PHE A 253 26.60 -9.69 8.38
CA PHE A 253 26.37 -10.00 9.79
C PHE A 253 27.58 -10.51 10.57
N GLY A 254 28.65 -10.89 9.89
CA GLY A 254 29.83 -11.41 10.59
C GLY A 254 29.50 -12.77 11.17
N GLU A 255 28.39 -13.34 10.75
CA GLU A 255 27.97 -14.66 11.19
C GLU A 255 27.07 -15.20 10.14
N ASP A 256 26.75 -16.49 10.23
CA ASP A 256 25.82 -17.16 9.34
C ASP A 256 24.42 -17.10 9.93
N VAL A 257 23.50 -16.42 9.23
CA VAL A 257 22.14 -16.23 9.74
C VAL A 257 21.11 -17.27 9.24
N ARG A 258 21.53 -18.35 8.59
CA ARG A 258 20.53 -19.32 8.09
C ARG A 258 19.78 -20.01 9.23
N CYS A 259 18.58 -20.50 8.94
CA CYS A 259 17.79 -21.24 9.91
C CYS A 259 18.44 -22.60 10.23
N LYS A 260 18.44 -22.94 11.52
CA LYS A 260 18.95 -24.22 12.00
C LYS A 260 17.80 -25.11 12.46
N GLY B 20 4.66 10.63 12.56
CA GLY B 20 4.41 10.64 14.03
C GLY B 20 3.73 9.36 14.48
N GLY B 21 3.22 8.58 13.51
CA GLY B 21 2.54 7.32 13.81
C GLY B 21 1.20 7.52 14.53
N SER B 22 0.39 6.47 14.58
CA SER B 22 -0.90 6.61 15.25
C SER B 22 -1.36 5.32 15.87
N GLU B 23 -2.39 5.38 16.70
CA GLU B 23 -3.00 4.17 17.24
C GLU B 23 -3.99 3.53 16.28
N PHE B 24 -3.68 2.33 15.81
CA PHE B 24 -4.57 1.69 14.85
C PHE B 24 -5.68 0.97 15.59
N GLN B 25 -6.92 1.19 15.16
CA GLN B 25 -8.06 0.51 15.80
C GLN B 25 -9.28 0.61 14.93
N VAL B 26 -10.04 -0.46 14.80
CA VAL B 26 -11.36 -0.43 14.16
C VAL B 26 -12.38 -0.06 15.22
N ARG B 27 -12.98 1.12 15.04
CA ARG B 27 -13.72 1.76 16.12
C ARG B 27 -15.19 1.78 15.79
N SER B 28 -16.00 1.45 16.78
CA SER B 28 -17.44 1.49 16.63
C SER B 28 -17.82 2.98 16.61
N PHE B 29 -19.04 3.26 16.18
CA PHE B 29 -19.57 4.64 16.18
C PHE B 29 -19.53 5.32 17.57
N GLU B 30 -19.92 4.62 18.64
CA GLU B 30 -19.82 5.22 19.98
C GLU B 30 -18.41 5.44 20.51
N GLU B 31 -17.47 4.58 20.12
CA GLU B 31 -16.05 4.79 20.47
C GLU B 31 -15.53 6.05 19.77
N ILE B 32 -15.86 6.13 18.49
CA ILE B 32 -15.58 7.36 17.73
C ILE B 32 -16.21 8.56 18.42
N LYS B 33 -17.49 8.45 18.76
CA LYS B 33 -18.21 9.56 19.40
C LYS B 33 -17.58 9.96 20.71
N ARG B 34 -17.22 8.98 21.54
CA ARG B 34 -16.44 9.29 22.75
C ARG B 34 -15.19 10.14 22.46
N SER B 35 -14.46 9.83 21.39
CA SER B 35 -13.23 10.59 21.10
C SER B 35 -13.53 11.99 20.57
N GLY B 36 -14.67 12.16 19.91
CA GLY B 36 -15.02 13.47 19.34
C GLY B 36 -14.33 13.73 18.01
N GLU B 37 -13.56 12.77 17.54
CA GLU B 37 -12.87 12.94 16.25
C GLU B 37 -13.02 11.70 15.36
N ILE B 38 -13.08 11.93 14.06
CA ILE B 38 -13.26 10.87 13.08
C ILE B 38 -12.09 10.89 12.06
N ARG B 39 -11.46 9.73 11.87
CA ARG B 39 -10.27 9.64 11.05
C ARG B 39 -10.75 9.22 9.67
N ILE B 40 -10.41 10.01 8.65
CA ILE B 40 -10.89 9.76 7.30
C ILE B 40 -9.69 9.58 6.38
N GLY B 41 -9.69 8.47 5.65
CA GLY B 41 -8.62 8.22 4.71
C GLY B 41 -9.02 8.67 3.32
N THR B 42 -8.10 9.27 2.59
CA THR B 42 -8.33 9.50 1.19
C THR B 42 -7.03 9.39 0.45
N GLU B 43 -7.07 9.62 -0.87
CA GLU B 43 -5.90 9.48 -1.70
C GLU B 43 -5.10 10.77 -1.86
N GLY B 44 -5.77 11.88 -2.13
CA GLY B 44 -5.07 13.13 -2.51
C GLY B 44 -4.37 13.18 -3.86
N ALA B 45 -4.80 12.39 -4.84
CA ALA B 45 -4.21 12.47 -6.20
C ALA B 45 -5.26 12.24 -7.27
N PHE B 46 -6.48 12.67 -7.01
CA PHE B 46 -7.58 12.38 -7.93
C PHE B 46 -8.49 13.62 -8.05
N PRO B 47 -7.95 14.75 -8.56
CA PRO B 47 -8.75 15.96 -8.80
C PRO B 47 -9.82 15.72 -9.81
N PRO B 48 -11.00 16.37 -9.66
CA PRO B 48 -11.46 17.27 -8.60
C PRO B 48 -12.05 16.60 -7.33
N PHE B 49 -11.88 15.28 -7.16
CA PHE B 49 -12.52 14.55 -6.01
C PHE B 49 -11.75 14.68 -4.70
N ASN B 50 -10.43 14.45 -4.76
CA ASN B 50 -9.57 14.61 -3.60
C ASN B 50 -8.17 14.83 -4.13
N TYR B 51 -7.49 15.87 -3.68
CA TYR B 51 -6.17 16.26 -4.24
C TYR B 51 -5.54 17.36 -3.37
N PHE B 52 -4.26 17.67 -3.59
CA PHE B 52 -3.65 18.79 -2.87
C PHE B 52 -3.60 20.00 -3.80
N ASP B 53 -4.12 21.13 -3.36
CA ASP B 53 -4.23 22.30 -4.26
C ASP B 53 -2.93 23.09 -4.41
N GLU B 54 -3.00 24.26 -5.04
CA GLU B 54 -1.80 25.03 -5.30
C GLU B 54 -1.14 25.53 -4.04
N ARG B 55 -1.92 25.64 -2.99
CA ARG B 55 -1.36 26.02 -1.70
C ARG B 55 -1.08 24.76 -0.89
N ASN B 56 -0.99 23.63 -1.59
CA ASN B 56 -0.55 22.38 -0.99
C ASN B 56 -1.45 21.99 0.19
N GLN B 57 -2.75 22.23 0.02
CA GLN B 57 -3.82 21.89 0.95
C GLN B 57 -4.75 20.79 0.40
N LEU B 58 -5.12 19.84 1.25
CA LEU B 58 -6.07 18.76 0.85
C LEU B 58 -7.48 19.31 0.57
N THR B 59 -8.01 19.06 -0.63
CA THR B 59 -9.34 19.56 -0.94
C THR B 59 -10.04 18.71 -2.01
N GLY B 60 -11.21 19.14 -2.47
CA GLY B 60 -11.93 18.35 -3.47
C GLY B 60 -13.32 18.07 -2.98
N PHE B 61 -14.15 17.63 -3.92
CA PHE B 61 -15.51 17.31 -3.66
C PHE B 61 -15.65 16.38 -2.44
N GLU B 62 -14.81 15.33 -2.39
CA GLU B 62 -14.98 14.30 -1.35
C GLU B 62 -14.48 14.82 -0.02
N VAL B 63 -13.54 15.76 -0.06
CA VAL B 63 -13.01 16.39 1.14
C VAL B 63 -14.10 17.29 1.77
N ASP B 64 -14.66 18.17 0.95
CA ASP B 64 -15.83 18.96 1.38
C ASP B 64 -16.96 18.04 1.83
N LEU B 65 -17.22 16.97 1.08
CA LEU B 65 -18.31 16.11 1.50
C LEU B 65 -17.97 15.36 2.80
N GLY B 66 -16.74 14.85 2.93
CA GLY B 66 -16.33 14.16 4.16
C GLY B 66 -16.40 15.08 5.39
N ASN B 67 -16.07 16.36 5.20
CA ASN B 67 -16.13 17.35 6.25
C ASN B 67 -17.56 17.64 6.69
N ALA B 68 -18.47 17.72 5.73
CA ALA B 68 -19.91 17.86 5.96
C ALA B 68 -20.52 16.63 6.65
N ILE B 69 -20.03 15.44 6.33
CA ILE B 69 -20.40 14.21 7.07
C ILE B 69 -19.92 14.31 8.53
N ALA B 70 -18.64 14.61 8.74
CA ALA B 70 -18.09 14.76 10.11
C ALA B 70 -18.85 15.80 10.94
N GLU B 71 -19.02 16.99 10.38
CA GLU B 71 -19.81 18.05 11.02
C GLU B 71 -21.20 17.57 11.43
N ARG B 72 -21.88 16.88 10.54
CA ARG B 72 -23.24 16.44 10.78
C ARG B 72 -23.34 15.43 11.92
N LEU B 73 -22.25 14.70 12.13
CA LEU B 73 -22.20 13.66 13.18
C LEU B 73 -21.69 14.23 14.48
N GLY B 74 -21.36 15.53 14.48
CA GLY B 74 -20.76 16.21 15.63
C GLY B 74 -19.31 15.84 15.88
N LEU B 75 -18.54 15.61 14.82
CA LEU B 75 -17.17 15.11 14.98
C LEU B 75 -16.10 16.00 14.30
N LYS B 76 -14.94 16.18 14.93
CA LYS B 76 -13.83 16.89 14.31
C LYS B 76 -13.13 15.93 13.30
N PRO B 77 -12.99 16.32 12.01
CA PRO B 77 -12.39 15.37 11.07
C PRO B 77 -10.88 15.39 11.16
N ARG B 78 -10.26 14.23 11.01
CA ARG B 78 -8.83 14.12 10.93
C ARG B 78 -8.51 13.34 9.64
N TRP B 79 -7.90 13.99 8.64
CA TRP B 79 -7.67 13.44 7.32
C TRP B 79 -6.33 12.82 7.21
N ILE B 80 -6.23 11.69 6.52
CA ILE B 80 -4.96 11.04 6.26
C ILE B 80 -4.94 10.75 4.76
N ALA B 81 -3.96 11.29 4.05
CA ALA B 81 -3.82 11.03 2.64
C ALA B 81 -2.81 9.90 2.47
N GLN B 82 -3.14 8.91 1.63
CA GLN B 82 -2.31 7.73 1.47
C GLN B 82 -2.44 7.20 0.05
N SER B 83 -1.41 6.49 -0.46
CA SER B 83 -1.46 5.82 -1.78
C SER B 83 -2.77 5.05 -1.98
N PHE B 84 -3.37 5.13 -3.16
CA PHE B 84 -4.65 4.47 -3.39
C PHE B 84 -4.65 2.98 -3.08
N ASP B 85 -3.60 2.27 -3.50
CA ASP B 85 -3.62 0.79 -3.49
C ASP B 85 -3.63 0.31 -2.03
N THR B 86 -3.26 1.20 -1.11
CA THR B 86 -3.10 0.93 0.32
C THR B 86 -4.37 1.21 1.16
N LEU B 87 -5.26 2.01 0.60
CA LEU B 87 -6.37 2.61 1.37
C LEU B 87 -7.28 1.58 2.08
N LEU B 88 -7.73 0.57 1.35
CA LEU B 88 -8.65 -0.44 1.92
C LEU B 88 -7.97 -1.37 2.92
N ILE B 89 -6.69 -1.66 2.67
CA ILE B 89 -5.88 -2.47 3.52
C ILE B 89 -5.66 -1.75 4.85
N GLN B 90 -5.34 -0.48 4.82
CA GLN B 90 -5.07 0.20 6.08
C GLN B 90 -6.36 0.54 6.83
N LEU B 91 -7.47 0.61 6.11
CA LEU B 91 -8.79 0.74 6.71
C LEU B 91 -9.09 -0.47 7.57
N ASN B 92 -8.91 -1.66 7.00
CA ASN B 92 -9.17 -2.91 7.78
C ASN B 92 -8.16 -3.07 8.91
N GLN B 93 -6.96 -2.48 8.74
CA GLN B 93 -5.96 -2.50 9.77
C GLN B 93 -6.25 -1.49 10.87
N GLY B 94 -7.18 -0.57 10.65
CA GLY B 94 -7.57 0.40 11.70
C GLY B 94 -6.87 1.75 11.62
N ARG B 95 -6.29 2.10 10.47
CA ARG B 95 -5.62 3.43 10.35
C ARG B 95 -6.65 4.54 10.32
N PHE B 96 -7.80 4.25 9.72
CA PHE B 96 -8.85 5.24 9.65
C PHE B 96 -10.18 4.62 10.03
N ASP B 97 -11.17 5.45 10.30
CA ASP B 97 -12.54 4.97 10.56
C ASP B 97 -13.32 4.75 9.25
N PHE B 98 -13.14 5.66 8.29
CA PHE B 98 -13.67 5.40 6.94
C PHE B 98 -12.82 6.01 5.84
N VAL B 99 -13.02 5.56 4.60
CA VAL B 99 -12.26 6.02 3.48
C VAL B 99 -13.30 6.67 2.55
N ILE B 100 -12.96 7.85 2.06
CA ILE B 100 -13.72 8.47 0.98
C ILE B 100 -12.70 8.85 -0.10
N ALA B 101 -12.72 8.12 -1.19
CA ALA B 101 -11.59 8.18 -2.14
C ALA B 101 -12.04 7.58 -3.45
N SER B 102 -13.29 7.87 -3.81
CA SER B 102 -13.79 7.48 -5.16
C SER B 102 -13.93 5.99 -5.50
N HIS B 103 -14.06 5.12 -4.48
CA HIS B 103 -14.19 3.67 -4.77
C HIS B 103 -15.52 3.29 -5.38
N GLY B 104 -15.50 2.83 -6.62
CA GLY B 104 -16.69 2.16 -7.18
C GLY B 104 -17.00 0.90 -6.38
N ILE B 105 -18.28 0.64 -6.16
CA ILE B 105 -18.70 -0.55 -5.44
C ILE B 105 -18.54 -1.74 -6.34
N THR B 106 -17.76 -2.72 -5.90
CA THR B 106 -17.62 -3.96 -6.62
C THR B 106 -17.80 -5.14 -5.65
N GLU B 107 -18.21 -6.28 -6.20
CA GLU B 107 -18.38 -7.50 -5.40
C GLU B 107 -17.02 -7.89 -4.79
N GLU B 108 -15.96 -7.84 -5.60
CA GLU B 108 -14.65 -8.24 -5.15
C GLU B 108 -14.28 -7.36 -3.95
N ARG B 109 -14.49 -6.04 -4.07
CA ARG B 109 -14.18 -5.11 -2.96
C ARG B 109 -15.03 -5.33 -1.73
N ALA B 110 -16.30 -5.70 -1.93
CA ALA B 110 -17.22 -5.91 -0.82
C ALA B 110 -16.93 -7.17 -0.01
N ARG B 111 -16.06 -8.04 -0.49
CA ARG B 111 -15.53 -9.16 0.31
C ARG B 111 -14.62 -8.64 1.41
N ALA B 112 -14.02 -7.47 1.17
CA ALA B 112 -13.02 -6.97 2.09
C ALA B 112 -13.49 -5.77 2.92
N VAL B 113 -14.42 -4.98 2.39
CA VAL B 113 -14.90 -3.80 3.12
C VAL B 113 -16.40 -3.73 3.00
N ASP B 114 -16.98 -2.90 3.85
CA ASP B 114 -18.39 -2.59 3.76
C ASP B 114 -18.62 -1.20 3.15
N PHE B 115 -19.41 -1.12 2.07
CA PHE B 115 -19.65 0.20 1.40
C PHE B 115 -20.92 0.87 1.93
N THR B 116 -20.88 2.20 2.00
CA THR B 116 -22.10 3.00 2.26
C THR B 116 -22.95 3.07 0.99
N ASN B 117 -24.13 3.67 1.11
CA ASN B 117 -24.91 4.12 -0.05
C ASN B 117 -23.98 5.05 -0.80
N PRO B 118 -24.13 5.11 -2.14
CA PRO B 118 -23.18 5.89 -2.98
C PRO B 118 -23.29 7.40 -2.80
N HIS B 119 -22.14 8.08 -2.80
CA HIS B 119 -22.14 9.54 -2.74
C HIS B 119 -21.99 10.18 -4.11
N TYR B 120 -21.76 9.40 -5.15
CA TYR B 120 -21.95 9.89 -6.50
C TYR B 120 -22.01 8.74 -7.47
N CYS B 121 -22.43 9.04 -8.70
CA CYS B 121 -22.46 8.09 -9.80
C CYS B 121 -21.58 8.63 -10.93
N THR B 122 -20.95 7.71 -11.65
CA THR B 122 -19.98 8.13 -12.64
C THR B 122 -19.78 6.99 -13.63
N GLY B 123 -18.70 7.07 -14.39
CA GLY B 123 -18.32 6.01 -15.29
C GLY B 123 -16.85 6.13 -15.67
N GLY B 124 -16.31 5.02 -16.18
CA GLY B 124 -14.96 4.97 -16.70
C GLY B 124 -15.01 5.28 -18.20
N VAL B 125 -14.04 6.02 -18.69
CA VAL B 125 -14.03 6.46 -20.07
C VAL B 125 -12.66 6.28 -20.72
N ILE B 126 -12.70 5.91 -22.01
CA ILE B 126 -11.53 5.95 -22.88
C ILE B 126 -11.11 7.40 -23.16
N VAL B 127 -9.84 7.72 -22.97
CA VAL B 127 -9.28 9.03 -23.33
C VAL B 127 -8.09 8.75 -24.23
N SER B 128 -8.07 9.34 -25.42
CA SER B 128 -6.91 9.15 -26.30
C SER B 128 -6.46 10.49 -26.85
N ARG B 129 -5.32 10.52 -27.52
CA ARG B 129 -4.96 11.70 -28.29
C ARG B 129 -5.97 11.90 -29.42
N LYS B 130 -5.95 13.10 -30.01
CA LYS B 130 -6.80 13.40 -31.17
C LYS B 130 -6.60 12.33 -32.23
N GLY B 131 -7.70 11.75 -32.71
CA GLY B 131 -7.65 10.67 -33.71
C GLY B 131 -7.23 9.30 -33.17
N GLY B 132 -7.14 9.15 -31.85
CA GLY B 132 -6.73 7.89 -31.25
C GLY B 132 -7.94 7.01 -31.03
N PRO B 133 -7.77 5.87 -30.33
CA PRO B 133 -8.94 5.01 -30.03
C PRO B 133 -10.15 5.72 -29.35
N ARG B 134 -11.37 5.37 -29.79
CA ARG B 134 -12.60 5.93 -29.24
C ARG B 134 -13.33 4.89 -28.44
N THR B 135 -13.30 3.65 -28.93
CA THR B 135 -14.11 2.56 -28.43
C THR B 135 -13.23 1.42 -27.94
N ALA B 136 -13.83 0.51 -27.16
CA ALA B 136 -13.15 -0.71 -26.69
C ALA B 136 -12.58 -1.52 -27.85
N LYS B 137 -13.30 -1.46 -28.99
CA LYS B 137 -12.85 -2.11 -30.23
C LYS B 137 -11.58 -1.50 -30.76
N ASP B 138 -11.51 -0.17 -30.73
CA ASP B 138 -10.33 0.57 -31.16
C ASP B 138 -9.03 0.25 -30.41
N LEU B 139 -9.13 -0.46 -29.29
CA LEU B 139 -7.96 -0.69 -28.43
C LEU B 139 -7.12 -1.88 -28.88
N GLN B 140 -7.61 -2.55 -29.94
CA GLN B 140 -6.86 -3.60 -30.62
C GLN B 140 -5.45 -3.14 -30.97
N GLY B 141 -4.48 -3.88 -30.47
CA GLY B 141 -3.06 -3.62 -30.69
C GLY B 141 -2.54 -2.37 -29.98
N LYS B 142 -3.35 -1.79 -29.09
CA LYS B 142 -2.95 -0.57 -28.39
C LYS B 142 -2.42 -0.82 -26.99
N VAL B 143 -1.71 0.18 -26.50
CA VAL B 143 -1.14 0.22 -25.16
C VAL B 143 -2.03 1.17 -24.34
N VAL B 144 -2.58 0.66 -23.24
CA VAL B 144 -3.64 1.34 -22.48
C VAL B 144 -3.12 1.55 -21.05
N GLY B 145 -3.16 2.79 -20.57
CA GLY B 145 -2.67 3.11 -19.22
C GLY B 145 -3.79 3.28 -18.21
N VAL B 146 -3.59 2.65 -17.04
CA VAL B 146 -4.53 2.63 -15.92
C VAL B 146 -3.78 2.68 -14.58
N GLN B 147 -4.49 3.10 -13.53
CA GLN B 147 -3.89 3.16 -12.18
C GLN B 147 -4.14 1.82 -11.54
N VAL B 148 -3.13 1.37 -10.82
CA VAL B 148 -3.18 0.15 -10.01
C VAL B 148 -4.38 0.10 -9.09
N GLY B 149 -4.99 -1.08 -8.99
CA GLY B 149 -6.02 -1.31 -8.01
C GLY B 149 -7.36 -0.71 -8.37
N THR B 150 -7.51 -0.19 -9.58
CA THR B 150 -8.76 0.52 -9.93
C THR B 150 -9.72 -0.32 -10.74
N THR B 151 -10.97 0.12 -10.81
CA THR B 151 -11.91 -0.48 -11.77
C THR B 151 -11.50 -0.28 -13.24
N TYR B 152 -10.72 0.79 -13.55
CA TYR B 152 -10.16 0.99 -14.88
C TYR B 152 -9.19 -0.12 -15.22
N MET B 153 -8.39 -0.52 -14.25
CA MET B 153 -7.40 -1.58 -14.51
C MET B 153 -8.09 -2.93 -14.71
N GLU B 154 -9.03 -3.24 -13.81
CA GLU B 154 -9.91 -4.38 -13.95
C GLU B 154 -10.57 -4.50 -15.33
N ALA B 155 -11.22 -3.42 -15.79
CA ALA B 155 -11.86 -3.38 -17.12
C ALA B 155 -10.85 -3.59 -18.24
N ALA B 156 -9.77 -2.82 -18.24
CA ALA B 156 -8.71 -2.94 -19.27
C ALA B 156 -8.16 -4.37 -19.42
N GLN B 157 -7.94 -5.04 -18.28
CA GLN B 157 -7.40 -6.38 -18.28
C GLN B 157 -8.34 -7.41 -18.94
N LYS B 158 -9.60 -7.04 -19.11
CA LYS B 158 -10.64 -7.93 -19.69
C LYS B 158 -11.00 -7.62 -21.12
N ILE B 159 -10.38 -6.60 -21.71
CA ILE B 159 -10.64 -6.18 -23.08
C ILE B 159 -9.68 -6.91 -23.99
N PRO B 160 -10.18 -7.91 -24.76
CA PRO B 160 -9.22 -8.69 -25.54
C PRO B 160 -8.58 -7.84 -26.63
N GLY B 161 -7.36 -8.19 -27.02
CA GLY B 161 -6.72 -7.49 -28.14
C GLY B 161 -5.84 -6.31 -27.76
N ILE B 162 -5.98 -5.78 -26.54
CA ILE B 162 -5.09 -4.73 -26.07
C ILE B 162 -3.70 -5.33 -26.06
N LYS B 163 -2.73 -4.62 -26.63
CA LYS B 163 -1.36 -5.11 -26.70
C LYS B 163 -0.70 -5.14 -25.32
N GLU B 164 -0.88 -4.04 -24.57
CA GLU B 164 -0.35 -3.96 -23.21
C GLU B 164 -1.25 -3.07 -22.33
N VAL B 165 -1.65 -3.62 -21.18
CA VAL B 165 -2.20 -2.79 -20.10
C VAL B 165 -0.99 -2.31 -19.25
N ARG B 166 -0.73 -1.01 -19.28
CA ARG B 166 0.34 -0.43 -18.52
C ARG B 166 -0.23 0.17 -17.25
N THR B 167 0.29 -0.30 -16.11
CA THR B 167 -0.23 0.05 -14.78
C THR B 167 0.67 1.05 -14.02
N TYR B 168 0.05 2.15 -13.57
CA TYR B 168 0.67 3.27 -12.85
C TYR B 168 0.27 3.35 -11.38
N GLN B 169 1.18 3.74 -10.50
CA GLN B 169 0.84 3.89 -9.09
C GLN B 169 -0.10 5.08 -8.89
N ARG B 170 0.05 6.11 -9.74
CA ARG B 170 -0.76 7.35 -9.66
C ARG B 170 -1.46 7.67 -10.97
N ASP B 171 -2.72 8.00 -10.89
CA ASP B 171 -3.50 8.26 -12.12
C ASP B 171 -2.93 9.41 -12.97
N PRO B 172 -2.45 10.51 -12.33
CA PRO B 172 -1.94 11.57 -13.25
C PRO B 172 -0.73 11.13 -14.07
N ASP B 173 -0.01 10.09 -13.60
CA ASP B 173 1.16 9.57 -14.33
C ASP B 173 0.75 8.90 -15.62
N ALA B 174 -0.41 8.26 -15.63
CA ALA B 174 -0.93 7.71 -16.88
C ALA B 174 -1.28 8.85 -17.85
N LEU B 175 -1.96 9.90 -17.36
CA LEU B 175 -2.18 11.09 -18.22
C LEU B 175 -0.89 11.58 -18.85
N GLN B 176 0.18 11.66 -18.04
CA GLN B 176 1.42 12.23 -18.54
C GLN B 176 1.98 11.36 -19.67
N ASP B 177 1.85 10.06 -19.52
CA ASP B 177 2.35 9.13 -20.56
C ASP B 177 1.54 9.18 -21.85
N LEU B 178 0.23 9.46 -21.73
CA LEU B 178 -0.64 9.70 -22.89
C LEU B 178 -0.21 10.95 -23.63
N LEU B 179 0.06 12.02 -22.87
CA LEU B 179 0.54 13.27 -23.47
C LEU B 179 1.90 13.08 -24.14
N ALA B 180 2.76 12.27 -23.53
CA ALA B 180 4.13 12.07 -24.03
C ALA B 180 4.20 11.03 -25.14
N GLY B 181 3.11 10.33 -25.39
CA GLY B 181 3.04 9.37 -26.47
C GLY B 181 3.50 7.97 -26.11
N ARG B 182 3.67 7.72 -24.81
CA ARG B 182 4.14 6.40 -24.41
C ARG B 182 3.01 5.39 -24.34
N ILE B 183 1.77 5.86 -24.29
CA ILE B 183 0.60 4.99 -24.37
C ILE B 183 -0.37 5.55 -25.40
N ASP B 184 -1.27 4.72 -25.92
CA ASP B 184 -2.33 5.17 -26.84
C ASP B 184 -3.57 5.75 -26.17
N THR B 185 -3.94 5.20 -25.02
CA THR B 185 -5.22 5.50 -24.37
C THR B 185 -5.08 5.45 -22.86
N TRP B 186 -5.75 6.37 -22.16
CA TRP B 186 -5.86 6.36 -20.68
C TRP B 186 -7.31 6.07 -20.36
N ILE B 187 -7.57 5.16 -19.42
CA ILE B 187 -8.94 4.88 -19.01
C ILE B 187 -9.02 5.38 -17.60
N THR B 188 -9.94 6.31 -17.36
CA THR B 188 -10.05 6.93 -16.02
C THR B 188 -11.48 7.40 -15.84
N ASP B 189 -11.74 8.06 -14.71
CA ASP B 189 -13.08 8.57 -14.43
C ASP B 189 -13.47 9.70 -15.41
N ARG B 190 -14.73 9.72 -15.83
CA ARG B 190 -15.20 10.76 -16.77
C ARG B 190 -15.06 12.19 -16.26
N PHE B 191 -15.42 12.47 -15.00
CA PHE B 191 -15.22 13.80 -14.41
C PHE B 191 -13.75 14.19 -14.31
N VAL B 192 -12.92 13.26 -13.84
CA VAL B 192 -11.48 13.49 -13.77
C VAL B 192 -10.92 13.83 -15.16
N ALA B 193 -11.32 13.04 -16.18
CA ALA B 193 -10.85 13.27 -17.56
C ALA B 193 -11.30 14.64 -18.11
N LYS B 194 -12.57 14.97 -17.86
CA LYS B 194 -13.11 16.25 -18.34
C LYS B 194 -12.39 17.42 -17.72
N GLU B 195 -12.21 17.37 -16.39
CA GLU B 195 -11.52 18.45 -15.70
C GLU B 195 -10.06 18.59 -16.07
N ALA B 196 -9.32 17.48 -16.17
CA ALA B 196 -7.90 17.55 -16.58
C ALA B 196 -7.73 18.28 -17.92
N ILE B 197 -8.56 17.91 -18.88
CA ILE B 197 -8.48 18.50 -20.23
C ILE B 197 -8.83 20.00 -20.18
N LYS B 198 -9.83 20.36 -19.39
CA LYS B 198 -10.27 21.78 -19.25
C LYS B 198 -9.18 22.59 -18.53
N GLU B 199 -8.72 22.04 -17.42
CA GLU B 199 -7.70 22.67 -16.60
C GLU B 199 -6.35 22.80 -17.36
N ARG B 200 -5.99 21.83 -18.20
CA ARG B 200 -4.72 21.92 -18.96
C ARG B 200 -4.88 22.46 -20.42
N LYS B 201 -6.10 22.88 -20.75
CA LYS B 201 -6.46 23.39 -22.07
C LYS B 201 -6.02 22.40 -23.17
N LEU B 202 -6.51 21.17 -23.07
CA LEU B 202 -6.07 20.09 -23.95
C LEU B 202 -7.17 19.71 -24.92
N GLU B 203 -8.14 20.61 -25.09
CA GLU B 203 -9.32 20.35 -25.92
C GLU B 203 -8.91 20.02 -27.35
N ASN B 204 -7.79 20.57 -27.82
CA ASN B 204 -7.28 20.29 -29.18
C ASN B 204 -6.13 19.30 -29.19
N THR B 205 -5.97 18.56 -28.09
CA THR B 205 -4.88 17.61 -27.94
C THR B 205 -5.46 16.24 -27.58
N LEU B 206 -6.45 16.22 -26.68
CA LEU B 206 -7.08 14.99 -26.21
C LEU B 206 -8.52 14.83 -26.64
N GLN B 207 -9.03 13.61 -26.53
CA GLN B 207 -10.30 13.25 -27.11
C GLN B 207 -10.93 12.20 -26.21
N VAL B 208 -12.05 12.56 -25.58
CA VAL B 208 -12.79 11.65 -24.72
C VAL B 208 -13.62 10.74 -25.62
N GLY B 209 -13.44 9.44 -25.48
CA GLY B 209 -14.19 8.46 -26.28
C GLY B 209 -15.34 7.86 -25.52
N GLU B 210 -15.51 6.54 -25.63
CA GLU B 210 -16.70 5.90 -25.08
C GLU B 210 -16.57 5.68 -23.57
N LEU B 211 -17.72 5.78 -22.90
CA LEU B 211 -17.86 5.39 -21.52
C LEU B 211 -17.84 3.84 -21.46
N VAL B 212 -16.85 3.25 -20.79
CA VAL B 212 -16.64 1.80 -20.84
C VAL B 212 -17.51 1.04 -19.84
N PHE B 213 -17.81 1.67 -18.72
CA PHE B 213 -18.67 1.07 -17.70
C PHE B 213 -19.18 2.20 -16.83
N GLN B 214 -20.20 1.89 -16.05
CA GLN B 214 -20.71 2.81 -15.07
C GLN B 214 -20.45 2.26 -13.70
N GLU B 215 -20.35 3.13 -12.70
CA GLU B 215 -20.24 2.65 -11.37
C GLU B 215 -20.86 3.61 -10.36
N ARG B 216 -21.30 3.03 -9.26
CA ARG B 216 -21.78 3.75 -8.09
C ARG B 216 -20.59 3.83 -7.15
N VAL B 217 -20.29 5.03 -6.64
CA VAL B 217 -19.06 5.26 -5.87
C VAL B 217 -19.45 5.60 -4.44
N ALA B 218 -18.79 4.97 -3.49
CA ALA B 218 -19.20 4.97 -2.08
C ALA B 218 -18.06 5.04 -1.08
N MET B 219 -18.36 5.49 0.14
CA MET B 219 -17.42 5.40 1.26
C MET B 219 -17.28 3.94 1.67
N ALA B 220 -16.16 3.56 2.28
CA ALA B 220 -15.97 2.21 2.79
C ALA B 220 -15.65 2.29 4.28
N VAL B 221 -16.09 1.28 5.04
CA VAL B 221 -15.66 1.08 6.44
C VAL B 221 -15.02 -0.32 6.57
N ALA B 222 -14.27 -0.55 7.65
CA ALA B 222 -13.67 -1.89 7.86
C ALA B 222 -14.79 -2.95 7.83
N LYS B 223 -14.53 -4.11 7.22
CA LYS B 223 -15.56 -5.16 7.12
C LYS B 223 -16.12 -5.45 8.47
N GLY B 224 -17.44 -5.47 8.60
CA GLY B 224 -18.07 -5.71 9.91
C GLY B 224 -18.26 -4.50 10.83
N ASN B 225 -17.85 -3.28 10.41
CA ASN B 225 -18.08 -2.10 11.25
C ASN B 225 -19.47 -1.51 11.00
N LYS B 226 -20.49 -2.30 11.35
CA LYS B 226 -21.91 -2.00 11.09
C LYS B 226 -22.38 -0.68 11.70
N SER B 227 -22.02 -0.43 12.95
CA SER B 227 -22.51 0.78 13.62
C SER B 227 -22.03 2.04 12.88
N LEU B 228 -20.75 2.06 12.50
CA LEU B 228 -20.27 3.22 11.71
C LEU B 228 -20.95 3.31 10.34
N LEU B 229 -21.06 2.16 9.68
CA LEU B 229 -21.65 2.12 8.37
C LEU B 229 -23.03 2.78 8.45
N ASP B 230 -23.82 2.39 9.45
CA ASP B 230 -25.17 2.92 9.65
C ASP B 230 -25.22 4.43 9.90
N ALA B 231 -24.30 4.93 10.72
CA ALA B 231 -24.19 6.36 10.99
C ALA B 231 -23.80 7.22 9.74
N LEU B 232 -22.91 6.68 8.91
CA LEU B 232 -22.50 7.38 7.67
C LEU B 232 -23.64 7.43 6.66
N ASN B 233 -24.38 6.34 6.58
CA ASN B 233 -25.55 6.28 5.68
C ASN B 233 -26.60 7.32 6.05
N ARG B 234 -26.77 7.46 7.36
CA ARG B 234 -27.71 8.40 7.93
C ARG B 234 -27.24 9.84 7.70
N ALA B 235 -26.00 10.17 8.07
CA ALA B 235 -25.45 11.51 7.77
C ALA B 235 -25.50 11.80 6.28
N LEU B 236 -25.12 10.85 5.42
CA LEU B 236 -25.25 11.08 3.96
C LEU B 236 -26.70 11.32 3.47
N ALA B 237 -27.66 10.55 3.97
CA ALA B 237 -29.07 10.75 3.59
C ALA B 237 -29.51 12.14 4.05
N GLU B 238 -29.05 12.57 5.22
CA GLU B 238 -29.36 13.91 5.72
C GLU B 238 -28.84 15.04 4.83
N LEU B 239 -27.56 15.01 4.47
CA LEU B 239 -26.97 16.01 3.57
C LEU B 239 -27.66 16.05 2.21
N MET B 240 -28.10 14.88 1.75
CA MET B 240 -28.78 14.77 0.48
C MET B 240 -30.17 15.41 0.54
N GLN B 241 -30.71 15.50 1.75
CA GLN B 241 -32.05 16.04 2.02
C GLN B 241 -32.03 17.54 2.32
N ASP B 242 -31.17 17.96 3.23
CA ASP B 242 -31.14 19.33 3.71
C ASP B 242 -30.44 20.36 2.80
N GLY B 243 -30.06 19.94 1.59
CA GLY B 243 -29.44 20.87 0.63
C GLY B 243 -27.93 20.96 0.62
N THR B 244 -27.28 20.40 1.64
CA THR B 244 -25.83 20.51 1.75
C THR B 244 -25.07 19.78 0.63
N TYR B 245 -25.57 18.61 0.25
CA TYR B 245 -24.99 17.82 -0.85
C TYR B 245 -25.11 18.58 -2.17
N ALA B 246 -26.32 19.07 -2.46
CA ALA B 246 -26.60 19.93 -3.63
C ALA B 246 -25.61 21.06 -3.68
N ARG B 247 -25.46 21.82 -2.59
CA ARG B 247 -24.52 22.93 -2.58
C ARG B 247 -23.06 22.52 -2.86
N ILE B 248 -22.60 21.44 -2.24
CA ILE B 248 -21.21 21.03 -2.44
C ILE B 248 -21.00 20.52 -3.87
N SER B 249 -21.94 19.72 -4.33
CA SER B 249 -21.90 19.22 -5.69
C SER B 249 -21.93 20.37 -6.73
N GLN B 250 -22.78 21.38 -6.48
CA GLN B 250 -22.82 22.56 -7.33
C GLN B 250 -21.45 23.21 -7.39
N LYS B 251 -20.88 23.48 -6.22
CA LYS B 251 -19.57 24.09 -6.11
C LYS B 251 -18.47 23.40 -6.96
N TRP B 252 -18.48 22.06 -7.00
CA TRP B 252 -17.40 21.30 -7.67
C TRP B 252 -17.68 21.01 -9.10
N PHE B 253 -18.94 20.77 -9.43
CA PHE B 253 -19.29 20.29 -10.75
C PHE B 253 -20.28 21.17 -11.53
N GLY B 254 -20.87 22.17 -10.88
CA GLY B 254 -21.88 23.00 -11.56
C GLY B 254 -23.12 22.18 -11.93
N GLU B 255 -23.25 21.02 -11.29
CA GLU B 255 -24.43 20.14 -11.46
C GLU B 255 -24.49 19.20 -10.24
N ASP B 256 -25.45 18.27 -10.24
CA ASP B 256 -25.72 17.39 -9.11
C ASP B 256 -25.38 15.97 -9.52
N VAL B 257 -24.32 15.41 -8.92
CA VAL B 257 -23.77 14.13 -9.40
C VAL B 257 -24.28 12.89 -8.64
N ARG B 258 -25.36 13.04 -7.87
CA ARG B 258 -25.89 11.90 -7.08
C ARG B 258 -26.41 10.84 -8.00
N CYS B 259 -26.42 9.60 -7.52
CA CYS B 259 -27.01 8.51 -8.27
C CYS B 259 -28.52 8.72 -8.29
N LYS B 260 -29.15 8.44 -9.43
CA LYS B 260 -30.60 8.39 -9.55
C LYS B 260 -31.15 7.21 -8.74
#